data_7C6C
#
_entry.id   7C6C
#
_cell.length_a   47.381
_cell.length_b   77.666
_cell.length_c   79.211
_cell.angle_alpha   90.000
_cell.angle_beta   90.000
_cell.angle_gamma   90.000
#
_symmetry.space_group_name_H-M   'P 21 21 21'
#
loop_
_entity.id
_entity.type
_entity.pdbx_description
1 polymer Chitosanase
2 non-polymer '(2S)-2-hydroxybutanedioic acid'
3 water water
#
_entity_poly.entity_id   1
_entity_poly.type   'polypeptide(L)'
_entity_poly.pdbx_seq_one_letter_code
;AGLNKDQKRRAEQLTSIFENGTTEIQYGYVERLDDGRGYTCGRAGFTTATGDALEVVEVYTKAVPNNKLKKYLPELRRLA
KEESDDTSNLKGFASAWKSLANDKEFRAAQDKVNDHLYYQPAMKRSDNAGLKTALARAVMYDTVIQHGDGDDPDSFYALI
KRTNKKAGGSPKDGIDEKKWLNKFLDVRYDDLMNPANHDTRDEWRESVARVDVLRSIAKENNYNLNGPIHVRSNEYGNFV
IK
;
_entity_poly.pdbx_strand_id   A
#
# COMPACT_ATOMS: atom_id res chain seq x y z
N GLY A 2 -14.75 -9.34 3.07
CA GLY A 2 -13.41 -8.96 2.67
C GLY A 2 -12.71 -10.04 1.85
N LEU A 3 -11.43 -10.24 2.12
CA LEU A 3 -10.66 -11.31 1.51
C LEU A 3 -10.52 -12.43 2.52
N ASN A 4 -10.71 -13.68 2.07
CA ASN A 4 -10.49 -14.81 2.96
C ASN A 4 -8.99 -14.99 3.20
N LYS A 5 -8.63 -15.99 4.01
CA LYS A 5 -7.24 -16.15 4.42
C LYS A 5 -6.30 -16.26 3.22
N ASP A 6 -6.62 -17.18 2.29
CA ASP A 6 -5.75 -17.36 1.14
C ASP A 6 -5.76 -16.14 0.23
N GLN A 7 -6.93 -15.59 -0.05
CA GLN A 7 -7.02 -14.43 -0.94
C GLN A 7 -6.26 -13.24 -0.37
N LYS A 8 -6.39 -13.02 0.94
CA LYS A 8 -5.70 -11.88 1.56
CA LYS A 8 -5.70 -11.88 1.55
C LYS A 8 -4.19 -12.05 1.48
N ARG A 9 -3.69 -13.27 1.74
CA ARG A 9 -2.27 -13.53 1.60
C ARG A 9 -1.80 -13.25 0.17
N ARG A 10 -2.55 -13.74 -0.82
CA ARG A 10 -2.17 -13.53 -2.21
C ARG A 10 -2.13 -12.05 -2.54
N ALA A 11 -3.15 -11.29 -2.10
CA ALA A 11 -3.17 -9.86 -2.32
C ALA A 11 -1.94 -9.20 -1.72
N GLU A 12 -1.56 -9.62 -0.51
CA GLU A 12 -0.40 -9.02 0.15
C GLU A 12 0.91 -9.41 -0.53
N GLN A 13 1.00 -10.64 -1.05
CA GLN A 13 2.21 -11.03 -1.76
CA GLN A 13 2.22 -11.02 -1.76
C GLN A 13 2.35 -10.30 -3.09
N LEU A 14 1.22 -9.99 -3.75
CA LEU A 14 1.26 -9.11 -4.92
C LEU A 14 1.80 -7.73 -4.54
N THR A 15 1.23 -7.13 -3.49
CA THR A 15 1.72 -5.82 -3.04
C THR A 15 3.20 -5.89 -2.68
N SER A 16 3.62 -6.99 -2.06
CA SER A 16 5.03 -7.12 -1.69
C SER A 16 5.93 -7.13 -2.92
N ILE A 17 5.50 -7.78 -4.01
CA ILE A 17 6.26 -7.69 -5.25
C ILE A 17 6.36 -6.25 -5.70
N PHE A 18 5.22 -5.55 -5.70
CA PHE A 18 5.19 -4.18 -6.20
C PHE A 18 6.04 -3.25 -5.37
N GLU A 19 6.12 -3.48 -4.06
CA GLU A 19 6.87 -2.60 -3.17
CA GLU A 19 6.87 -2.60 -3.17
C GLU A 19 8.35 -2.96 -3.09
N ASN A 20 8.67 -4.26 -3.07
CA ASN A 20 10.02 -4.70 -2.73
C ASN A 20 10.57 -5.77 -3.64
N GLY A 21 9.86 -6.20 -4.68
CA GLY A 21 10.43 -7.17 -5.59
C GLY A 21 10.58 -8.56 -5.01
N THR A 22 9.74 -8.92 -4.04
CA THR A 22 9.77 -10.24 -3.44
C THR A 22 8.38 -10.54 -2.90
N THR A 23 8.01 -11.82 -2.87
CA THR A 23 6.75 -12.19 -2.25
C THR A 23 6.83 -12.25 -0.74
N GLU A 24 8.03 -12.15 -0.16
CA GLU A 24 8.20 -12.14 1.28
C GLU A 24 7.99 -10.72 1.79
N ILE A 25 6.98 -10.53 2.63
CA ILE A 25 6.69 -9.19 3.14
C ILE A 25 7.88 -8.65 3.91
N GLN A 26 8.30 -7.43 3.58
CA GLN A 26 9.52 -6.83 4.14
C GLN A 26 9.18 -5.86 5.28
N TYR A 27 9.14 -6.39 6.49
CA TYR A 27 8.88 -5.55 7.65
C TYR A 27 10.04 -4.63 8.00
N GLY A 28 11.26 -4.98 7.59
CA GLY A 28 12.42 -4.20 7.96
C GLY A 28 12.84 -3.16 6.98
N TYR A 29 12.14 -3.05 5.86
CA TYR A 29 12.51 -2.13 4.78
C TYR A 29 12.44 -0.68 5.24
N VAL A 30 13.47 0.09 4.92
CA VAL A 30 13.45 1.55 5.08
C VAL A 30 14.25 2.15 3.93
N GLU A 31 13.65 3.10 3.23
CA GLU A 31 14.34 3.79 2.14
C GLU A 31 13.78 5.18 1.96
N ARG A 32 14.66 6.14 1.68
CA ARG A 32 14.27 7.46 1.20
C ARG A 32 14.05 7.36 -0.30
N LEU A 33 12.84 7.65 -0.77
CA LEU A 33 12.55 7.55 -2.20
C LEU A 33 12.58 8.89 -2.91
N ASP A 34 12.82 9.98 -2.20
CA ASP A 34 12.79 11.32 -2.79
C ASP A 34 11.46 11.61 -3.46
N ASP A 35 10.39 11.14 -2.81
CA ASP A 35 9.02 11.34 -3.29
C ASP A 35 8.28 12.32 -2.39
N GLY A 36 9.01 13.11 -1.60
CA GLY A 36 8.41 14.04 -0.69
C GLY A 36 7.92 13.44 0.60
N ARG A 37 8.03 12.11 0.76
CA ARG A 37 7.41 11.44 1.90
C ARG A 37 8.39 11.09 3.01
N GLY A 38 9.64 11.53 2.91
CA GLY A 38 10.63 11.24 3.94
C GLY A 38 11.12 9.82 3.78
N TYR A 39 11.11 9.04 4.86
CA TYR A 39 11.43 7.62 4.78
C TYR A 39 10.17 6.82 4.52
N THR A 40 10.30 5.81 3.65
CA THR A 40 9.27 4.81 3.40
C THR A 40 9.68 3.51 4.08
N CYS A 41 8.78 2.93 4.88
CA CYS A 41 9.17 1.96 5.88
C CYS A 41 8.24 0.76 5.96
N GLY A 42 8.82 -0.43 6.12
CA GLY A 42 8.02 -1.59 6.50
C GLY A 42 7.04 -2.07 5.45
N ARG A 43 6.09 -2.89 5.93
CA ARG A 43 5.27 -3.69 5.03
C ARG A 43 4.40 -2.85 4.12
N ALA A 44 3.91 -1.71 4.61
CA ALA A 44 2.99 -0.89 3.85
C ALA A 44 3.66 0.33 3.23
N GLY A 45 4.98 0.42 3.32
CA GLY A 45 5.59 1.69 2.95
C GLY A 45 5.05 2.83 3.78
N PHE A 46 4.93 2.62 5.09
CA PHE A 46 4.56 3.70 6.00
C PHE A 46 5.58 4.83 5.88
N THR A 47 5.12 6.07 5.78
CA THR A 47 6.06 7.16 5.54
C THR A 47 6.12 8.13 6.71
N THR A 48 7.27 8.81 6.84
CA THR A 48 7.46 9.77 7.91
C THR A 48 6.78 11.12 7.64
N ALA A 49 6.48 11.46 6.38
CA ALA A 49 5.79 12.72 6.12
C ALA A 49 4.29 12.64 6.42
N THR A 50 3.69 11.44 6.35
CA THR A 50 2.23 11.31 6.42
C THR A 50 1.70 11.06 7.82
N GLY A 51 2.54 10.60 8.73
CA GLY A 51 2.05 10.19 10.03
C GLY A 51 1.88 8.70 10.19
N ASP A 52 1.90 7.92 9.11
CA ASP A 52 1.63 6.51 9.33
CA ASP A 52 1.66 6.49 9.23
C ASP A 52 2.82 5.77 9.92
N ALA A 53 4.06 6.16 9.61
CA ALA A 53 5.19 5.58 10.33
C ALA A 53 5.16 5.98 11.80
N LEU A 54 4.77 7.23 12.09
CA LEU A 54 4.55 7.65 13.47
C LEU A 54 3.58 6.71 14.17
N GLU A 55 2.47 6.37 13.50
CA GLU A 55 1.48 5.49 14.13
C GLU A 55 2.08 4.12 14.46
N VAL A 56 2.90 3.56 13.57
CA VAL A 56 3.57 2.30 13.88
C VAL A 56 4.37 2.44 15.16
N VAL A 57 5.18 3.50 15.27
CA VAL A 57 6.03 3.65 16.44
C VAL A 57 5.21 3.90 17.69
N GLU A 58 4.09 4.64 17.58
CA GLU A 58 3.20 4.83 18.73
C GLU A 58 2.65 3.50 19.21
N VAL A 59 2.15 2.68 18.28
CA VAL A 59 1.53 1.40 18.63
C VAL A 59 2.57 0.48 19.25
N TYR A 60 3.76 0.41 18.62
CA TYR A 60 4.84 -0.39 19.15
C TYR A 60 5.25 0.06 20.54
N THR A 61 5.28 1.39 20.76
CA THR A 61 5.70 1.92 22.06
C THR A 61 4.68 1.65 23.15
N LYS A 62 3.39 1.67 22.81
CA LYS A 62 2.38 1.27 23.79
C LYS A 62 2.57 -0.19 24.20
N ALA A 63 2.88 -1.06 23.23
CA ALA A 63 3.05 -2.47 23.51
C ALA A 63 4.37 -2.75 24.22
N VAL A 64 5.42 -2.03 23.85
CA VAL A 64 6.78 -2.26 24.34
C VAL A 64 7.35 -0.93 24.79
N PRO A 65 7.10 -0.52 26.03
CA PRO A 65 7.58 0.79 26.48
C PRO A 65 9.10 0.89 26.40
N ASN A 66 9.59 2.10 26.12
CA ASN A 66 11.02 2.40 26.24
C ASN A 66 11.87 1.56 25.29
N ASN A 67 11.32 1.27 24.11
CA ASN A 67 12.00 0.53 23.07
C ASN A 67 13.00 1.43 22.33
N LYS A 68 13.73 0.85 21.37
CA LYS A 68 14.79 1.57 20.68
C LYS A 68 14.29 2.68 19.76
N LEU A 69 13.00 2.68 19.43
CA LEU A 69 12.46 3.70 18.56
C LEU A 69 11.75 4.82 19.33
N LYS A 70 11.54 4.67 20.64
CA LYS A 70 10.80 5.67 21.40
C LYS A 70 11.40 7.07 21.23
N LYS A 71 12.73 7.17 21.23
CA LYS A 71 13.36 8.49 21.19
C LYS A 71 13.08 9.23 19.90
N TYR A 72 12.63 8.54 18.85
CA TYR A 72 12.31 9.19 17.60
C TYR A 72 10.90 9.77 17.57
N LEU A 73 10.06 9.48 18.57
CA LEU A 73 8.69 9.98 18.55
C LEU A 73 8.59 11.50 18.41
N PRO A 74 9.37 12.32 19.14
CA PRO A 74 9.19 13.78 18.96
C PRO A 74 9.45 14.23 17.54
N GLU A 75 10.50 13.73 16.89
CA GLU A 75 10.75 14.11 15.52
C GLU A 75 9.71 13.53 14.57
N LEU A 76 9.33 12.26 14.74
CA LEU A 76 8.29 11.69 13.90
C LEU A 76 7.00 12.49 14.02
N ARG A 77 6.68 12.95 15.23
CA ARG A 77 5.48 13.75 15.44
C ARG A 77 5.57 15.08 14.70
N ARG A 78 6.72 15.76 14.80
CA ARG A 78 6.90 17.01 14.09
C ARG A 78 6.85 16.82 12.58
N LEU A 79 7.43 15.73 12.08
CA LEU A 79 7.40 15.48 10.64
C LEU A 79 5.98 15.26 10.15
N ALA A 80 5.17 14.56 10.94
CA ALA A 80 3.77 14.38 10.59
C ALA A 80 3.02 15.70 10.64
N LYS A 81 3.26 16.50 11.67
CA LYS A 81 2.60 17.79 11.77
C LYS A 81 2.93 18.67 10.57
N GLU A 82 4.18 18.70 10.15
CA GLU A 82 4.66 19.55 9.08
C GLU A 82 4.52 18.92 7.70
N GLU A 83 4.06 17.67 7.61
CA GLU A 83 4.03 16.93 6.36
C GLU A 83 5.38 17.02 5.65
N SER A 84 6.44 16.76 6.42
CA SER A 84 7.79 17.10 6.01
C SER A 84 8.56 15.89 5.49
N ASP A 85 9.36 16.14 4.45
CA ASP A 85 10.28 15.17 3.83
C ASP A 85 11.62 15.09 4.54
N ASP A 86 11.84 15.88 5.59
CA ASP A 86 13.12 15.92 6.28
C ASP A 86 13.44 14.58 6.92
N THR A 87 14.63 14.05 6.62
CA THR A 87 15.15 12.89 7.32
C THR A 87 16.47 13.21 8.04
N SER A 88 16.86 14.48 8.07
CA SER A 88 18.15 14.83 8.65
C SER A 88 18.17 14.75 10.17
N ASN A 89 17.01 14.71 10.83
CA ASN A 89 16.94 14.58 12.28
C ASN A 89 16.47 13.19 12.70
N LEU A 90 16.73 12.18 11.89
CA LEU A 90 16.38 10.80 12.17
C LEU A 90 17.60 9.89 12.15
N LYS A 91 18.75 10.38 12.62
CA LYS A 91 19.95 9.57 12.61
C LYS A 91 19.75 8.29 13.40
N GLY A 92 20.09 7.16 12.78
CA GLY A 92 19.93 5.86 13.40
C GLY A 92 18.57 5.23 13.24
N PHE A 93 17.57 5.99 12.78
CA PHE A 93 16.22 5.45 12.69
C PHE A 93 16.12 4.31 11.70
N ALA A 94 16.69 4.49 10.50
CA ALA A 94 16.57 3.45 9.48
C ALA A 94 17.21 2.14 9.94
N SER A 95 18.39 2.22 10.55
CA SER A 95 19.04 1.01 11.04
CA SER A 95 19.04 1.01 11.04
CA SER A 95 19.04 1.00 11.05
CA SER A 95 19.02 1.00 11.03
C SER A 95 18.25 0.39 12.20
N ALA A 96 17.72 1.22 13.09
CA ALA A 96 16.95 0.69 14.20
C ALA A 96 15.69 0.00 13.71
N TRP A 97 14.97 0.61 12.77
CA TRP A 97 13.80 -0.03 12.20
C TRP A 97 14.16 -1.36 11.58
N LYS A 98 15.22 -1.37 10.75
CA LYS A 98 15.61 -2.60 10.08
C LYS A 98 15.96 -3.70 11.09
N SER A 99 16.58 -3.32 12.20
CA SER A 99 16.98 -4.31 13.21
C SER A 99 15.80 -5.03 13.80
N LEU A 100 14.59 -4.49 13.67
CA LEU A 100 13.39 -5.08 14.22
C LEU A 100 12.60 -5.87 13.18
N ALA A 101 13.22 -6.14 12.02
CA ALA A 101 12.51 -6.79 10.91
C ALA A 101 11.84 -8.09 11.32
N ASN A 102 12.46 -8.86 12.21
CA ASN A 102 11.97 -10.16 12.62
C ASN A 102 11.44 -10.17 14.05
N ASP A 103 11.20 -8.99 14.63
CA ASP A 103 10.72 -8.90 15.99
C ASP A 103 9.20 -9.08 16.01
N LYS A 104 8.72 -9.99 16.85
CA LYS A 104 7.29 -10.31 16.86
C LYS A 104 6.44 -9.08 17.18
N GLU A 105 6.81 -8.32 18.21
CA GLU A 105 6.00 -7.17 18.60
C GLU A 105 6.04 -6.06 17.55
N PHE A 106 7.20 -5.82 16.96
CA PHE A 106 7.26 -4.78 15.94
C PHE A 106 6.46 -5.15 14.71
N ARG A 107 6.55 -6.42 14.28
CA ARG A 107 5.73 -6.87 13.16
C ARG A 107 4.25 -6.76 13.49
N ALA A 108 3.86 -7.10 14.72
CA ALA A 108 2.46 -6.99 15.13
C ALA A 108 1.98 -5.55 15.09
N ALA A 109 2.84 -4.60 15.49
CA ALA A 109 2.45 -3.19 15.43
C ALA A 109 2.23 -2.75 13.99
N GLN A 110 3.13 -3.17 13.09
CA GLN A 110 2.91 -2.88 11.67
C GLN A 110 1.62 -3.52 11.16
N ASP A 111 1.34 -4.76 11.56
CA ASP A 111 0.11 -5.40 11.10
C ASP A 111 -1.11 -4.65 11.60
N LYS A 112 -1.07 -4.16 12.84
CA LYS A 112 -2.22 -3.44 13.39
C LYS A 112 -2.46 -2.13 12.64
N VAL A 113 -1.40 -1.36 12.40
CA VAL A 113 -1.56 -0.10 11.68
C VAL A 113 -2.01 -0.36 10.25
N ASN A 114 -1.41 -1.37 9.60
CA ASN A 114 -1.84 -1.73 8.25
C ASN A 114 -3.33 -2.09 8.23
N ASP A 115 -3.78 -2.84 9.23
CA ASP A 115 -5.18 -3.24 9.25
C ASP A 115 -6.08 -2.03 9.39
N HIS A 116 -5.72 -1.11 10.28
CA HIS A 116 -6.57 0.03 10.60
C HIS A 116 -6.55 1.08 9.49
N LEU A 117 -5.38 1.32 8.89
CA LEU A 117 -5.26 2.40 7.92
C LEU A 117 -5.52 1.96 6.49
N TYR A 118 -5.26 0.69 6.15
CA TYR A 118 -5.29 0.26 4.75
CA TYR A 118 -5.29 0.27 4.76
C TYR A 118 -6.27 -0.87 4.50
N TYR A 119 -6.13 -2.01 5.17
CA TYR A 119 -6.99 -3.14 4.83
C TYR A 119 -8.46 -2.85 5.12
N GLN A 120 -8.78 -2.45 6.35
CA GLN A 120 -10.19 -2.20 6.67
C GLN A 120 -10.79 -1.08 5.83
N PRO A 121 -10.12 0.08 5.65
CA PRO A 121 -10.70 1.08 4.74
C PRO A 121 -10.86 0.58 3.31
N ALA A 122 -9.93 -0.24 2.82
CA ALA A 122 -10.08 -0.79 1.47
C ALA A 122 -11.31 -1.68 1.39
N MET A 123 -11.53 -2.52 2.40
CA MET A 123 -12.71 -3.40 2.36
C MET A 123 -14.00 -2.62 2.53
N LYS A 124 -13.97 -1.56 3.33
CA LYS A 124 -15.17 -0.74 3.53
C LYS A 124 -15.56 -0.02 2.25
N ARG A 125 -14.59 0.61 1.57
CA ARG A 125 -14.91 1.28 0.32
C ARG A 125 -15.29 0.28 -0.76
N SER A 126 -14.71 -0.93 -0.74
CA SER A 126 -15.14 -1.99 -1.64
C SER A 126 -16.60 -2.34 -1.40
N ASP A 127 -16.99 -2.49 -0.14
CA ASP A 127 -18.39 -2.76 0.18
C ASP A 127 -19.28 -1.63 -0.29
N ASN A 128 -18.85 -0.38 -0.09
CA ASN A 128 -19.65 0.76 -0.53
C ASN A 128 -19.83 0.77 -2.04
N ALA A 129 -18.84 0.30 -2.78
CA ALA A 129 -18.91 0.24 -4.24
C ALA A 129 -19.58 -1.05 -4.74
N GLY A 130 -19.98 -1.95 -3.84
CA GLY A 130 -20.61 -3.18 -4.26
C GLY A 130 -19.67 -4.19 -4.88
N LEU A 131 -18.38 -4.11 -4.59
CA LEU A 131 -17.43 -5.06 -5.17
C LEU A 131 -17.66 -6.44 -4.56
N LYS A 132 -17.74 -7.46 -5.42
CA LYS A 132 -17.90 -8.83 -4.96
C LYS A 132 -16.71 -9.72 -5.20
N THR A 133 -15.81 -9.37 -6.11
CA THR A 133 -14.73 -10.28 -6.46
C THR A 133 -13.51 -10.06 -5.58
N ALA A 134 -12.81 -11.15 -5.30
CA ALA A 134 -11.57 -11.05 -4.55
C ALA A 134 -10.54 -10.21 -5.28
N LEU A 135 -10.47 -10.34 -6.62
CA LEU A 135 -9.48 -9.57 -7.36
C LEU A 135 -9.75 -8.07 -7.23
N ALA A 136 -11.02 -7.65 -7.37
CA ALA A 136 -11.29 -6.22 -7.23
C ALA A 136 -10.92 -5.73 -5.83
N ARG A 137 -11.26 -6.50 -4.80
CA ARG A 137 -10.89 -6.13 -3.44
C ARG A 137 -9.38 -6.07 -3.26
N ALA A 138 -8.66 -7.01 -3.88
CA ALA A 138 -7.19 -6.98 -3.81
C ALA A 138 -6.64 -5.74 -4.51
N VAL A 139 -7.23 -5.36 -5.63
CA VAL A 139 -6.80 -4.13 -6.30
C VAL A 139 -7.04 -2.92 -5.39
N MET A 140 -8.21 -2.87 -4.72
CA MET A 140 -8.47 -1.75 -3.81
C MET A 140 -7.45 -1.71 -2.68
N TYR A 141 -7.11 -2.88 -2.13
CA TYR A 141 -6.15 -2.96 -1.04
C TYR A 141 -4.79 -2.44 -1.47
N ASP A 142 -4.31 -2.89 -2.63
CA ASP A 142 -3.02 -2.39 -3.13
C ASP A 142 -3.08 -0.90 -3.39
N THR A 143 -4.22 -0.42 -3.91
CA THR A 143 -4.35 0.99 -4.26
C THR A 143 -4.24 1.87 -3.03
N VAL A 144 -4.93 1.52 -1.94
CA VAL A 144 -4.89 2.38 -0.78
C VAL A 144 -3.49 2.41 -0.17
N ILE A 145 -2.76 1.30 -0.26
CA ILE A 145 -1.41 1.27 0.28
C ILE A 145 -0.51 2.25 -0.46
N GLN A 146 -0.63 2.32 -1.79
CA GLN A 146 0.22 3.24 -2.54
C GLN A 146 -0.31 4.68 -2.51
N HIS A 147 -1.61 4.85 -2.68
CA HIS A 147 -2.18 6.18 -2.90
C HIS A 147 -2.66 6.86 -1.64
N GLY A 148 -2.84 6.12 -0.55
CA GLY A 148 -3.39 6.66 0.68
C GLY A 148 -4.90 6.81 0.60
N ASP A 149 -5.51 7.03 1.78
CA ASP A 149 -6.95 7.24 1.92
C ASP A 149 -7.28 8.69 2.26
N GLY A 150 -6.54 9.64 1.70
CA GLY A 150 -6.75 11.04 1.97
C GLY A 150 -7.84 11.64 1.10
N ASP A 151 -7.85 12.97 1.05
CA ASP A 151 -8.83 13.75 0.30
C ASP A 151 -8.24 14.36 -0.97
N ASP A 152 -7.00 14.02 -1.31
CA ASP A 152 -6.29 14.66 -2.41
C ASP A 152 -6.65 13.99 -3.73
N PRO A 153 -6.32 14.62 -4.87
CA PRO A 153 -6.74 14.06 -6.16
C PRO A 153 -6.07 12.76 -6.55
N ASP A 154 -5.03 12.33 -5.85
CA ASP A 154 -4.37 11.05 -6.12
C ASP A 154 -4.80 9.95 -5.16
N SER A 155 -5.78 10.22 -4.31
CA SER A 155 -6.15 9.32 -3.23
C SER A 155 -7.01 8.16 -3.73
N PHE A 156 -7.06 7.13 -2.89
CA PHE A 156 -7.89 5.94 -3.11
C PHE A 156 -9.32 6.31 -3.50
N TYR A 157 -9.99 7.12 -2.69
CA TYR A 157 -11.39 7.42 -2.98
C TYR A 157 -11.54 8.34 -4.18
N ALA A 158 -10.56 9.22 -4.44
CA ALA A 158 -10.58 10.00 -5.67
C ALA A 158 -10.57 9.09 -6.89
N LEU A 159 -9.76 8.04 -6.85
CA LEU A 159 -9.73 7.10 -7.97
C LEU A 159 -11.05 6.36 -8.11
N ILE A 160 -11.65 5.94 -6.99
CA ILE A 160 -12.95 5.27 -7.04
C ILE A 160 -13.99 6.18 -7.69
N LYS A 161 -14.04 7.44 -7.24
CA LYS A 161 -15.05 8.36 -7.77
C LYS A 161 -14.82 8.64 -9.25
N ARG A 162 -13.57 8.81 -9.67
CA ARG A 162 -13.30 9.05 -11.08
C ARG A 162 -13.68 7.84 -11.92
N THR A 163 -13.43 6.63 -11.41
CA THR A 163 -13.86 5.42 -12.10
C THR A 163 -15.38 5.35 -12.20
N ASN A 164 -16.08 5.62 -11.09
CA ASN A 164 -17.54 5.60 -11.12
C ASN A 164 -18.08 6.54 -12.17
N LYS A 165 -17.51 7.74 -12.27
CA LYS A 165 -17.99 8.70 -13.26
C LYS A 165 -17.73 8.21 -14.69
N LYS A 166 -16.55 7.66 -14.94
CA LYS A 166 -16.24 7.15 -16.28
C LYS A 166 -17.10 5.94 -16.63
N ALA A 167 -17.37 5.07 -15.65
CA ALA A 167 -18.11 3.84 -15.89
C ALA A 167 -19.62 4.04 -15.86
N GLY A 168 -20.10 5.20 -15.45
CA GLY A 168 -21.53 5.40 -15.29
C GLY A 168 -22.10 4.84 -14.02
N GLY A 169 -21.28 4.67 -12.99
CA GLY A 169 -21.73 4.12 -11.73
C GLY A 169 -20.76 3.10 -11.17
N SER A 170 -21.04 2.59 -9.99
CA SER A 170 -20.29 1.51 -9.37
C SER A 170 -20.99 0.20 -9.60
N PRO A 171 -20.33 -0.93 -9.30
CA PRO A 171 -21.07 -2.21 -9.38
C PRO A 171 -22.31 -2.27 -8.51
N LYS A 172 -22.32 -1.55 -7.37
CA LYS A 172 -23.54 -1.46 -6.57
C LYS A 172 -24.69 -0.86 -7.37
N ASP A 173 -24.40 0.08 -8.27
CA ASP A 173 -25.40 0.69 -9.13
C ASP A 173 -25.81 -0.22 -10.29
N GLY A 174 -25.15 -1.36 -10.47
CA GLY A 174 -25.48 -2.28 -11.54
C GLY A 174 -24.44 -2.39 -12.63
N ILE A 175 -23.35 -1.62 -12.55
CA ILE A 175 -22.30 -1.72 -13.55
C ILE A 175 -21.57 -3.05 -13.40
N ASP A 176 -21.30 -3.71 -14.52
CA ASP A 176 -20.56 -4.97 -14.50
C ASP A 176 -19.22 -4.77 -13.80
N GLU A 177 -18.94 -5.62 -12.80
CA GLU A 177 -17.76 -5.42 -11.97
C GLU A 177 -16.47 -5.63 -12.74
N LYS A 178 -16.46 -6.57 -13.69
CA LYS A 178 -15.24 -6.78 -14.47
C LYS A 178 -14.94 -5.58 -15.37
N LYS A 179 -15.97 -5.02 -16.00
CA LYS A 179 -15.78 -3.80 -16.79
C LYS A 179 -15.38 -2.64 -15.89
N TRP A 180 -16.02 -2.51 -14.73
CA TRP A 180 -15.68 -1.43 -13.81
C TRP A 180 -14.22 -1.53 -13.37
N LEU A 181 -13.75 -2.74 -13.05
CA LEU A 181 -12.38 -2.89 -12.58
C LEU A 181 -11.38 -2.56 -13.68
N ASN A 182 -11.69 -2.92 -14.93
CA ASN A 182 -10.79 -2.53 -16.02
C ASN A 182 -10.69 -1.02 -16.15
N LYS A 183 -11.82 -0.32 -15.97
CA LYS A 183 -11.77 1.13 -15.99
C LYS A 183 -11.01 1.68 -14.78
N PHE A 184 -11.17 1.05 -13.62
CA PHE A 184 -10.41 1.47 -12.45
C PHE A 184 -8.91 1.36 -12.69
N LEU A 185 -8.48 0.24 -13.30
CA LEU A 185 -7.06 0.07 -13.59
C LEU A 185 -6.57 1.14 -14.56
N ASP A 186 -7.41 1.51 -15.54
CA ASP A 186 -7.08 2.61 -16.45
C ASP A 186 -6.92 3.92 -15.68
N VAL A 187 -7.87 4.22 -14.80
CA VAL A 187 -7.82 5.45 -14.02
C VAL A 187 -6.58 5.48 -13.13
N ARG A 188 -6.27 4.35 -12.50
CA ARG A 188 -5.08 4.29 -11.65
C ARG A 188 -3.81 4.47 -12.47
N TYR A 189 -3.73 3.81 -13.63
CA TYR A 189 -2.57 4.00 -14.51
C TYR A 189 -2.37 5.47 -14.83
N ASP A 190 -3.44 6.15 -15.22
CA ASP A 190 -3.35 7.57 -15.56
C ASP A 190 -2.87 8.39 -14.37
N ASP A 191 -3.33 8.04 -13.17
CA ASP A 191 -2.92 8.79 -11.99
C ASP A 191 -1.45 8.56 -11.66
N LEU A 192 -0.97 7.33 -11.83
CA LEU A 192 0.44 7.04 -11.58
C LEU A 192 1.35 7.72 -12.58
N MET A 193 0.88 7.89 -13.82
CA MET A 193 1.70 8.52 -14.85
C MET A 193 1.73 10.03 -14.70
N ASN A 194 0.66 10.65 -14.21
CA ASN A 194 0.57 12.10 -14.10
C ASN A 194 -0.17 12.48 -12.84
N PRO A 195 0.41 12.22 -11.67
CA PRO A 195 -0.26 12.55 -10.41
C PRO A 195 -0.34 14.05 -10.21
N ALA A 196 -1.37 14.46 -9.46
CA ALA A 196 -1.47 15.85 -9.05
C ALA A 196 -0.29 16.25 -8.18
N ASN A 197 0.22 15.33 -7.38
CA ASN A 197 1.35 15.58 -6.48
C ASN A 197 2.64 15.41 -7.27
N HIS A 198 3.28 16.52 -7.61
CA HIS A 198 4.50 16.45 -8.42
C HIS A 198 5.64 15.76 -7.69
N ASP A 199 5.64 15.78 -6.35
CA ASP A 199 6.74 15.17 -5.60
C ASP A 199 6.90 13.69 -5.94
N THR A 200 5.80 13.03 -6.29
CA THR A 200 5.78 11.57 -6.39
C THR A 200 5.82 11.07 -7.84
N ARG A 201 6.00 11.97 -8.80
CA ARG A 201 6.01 11.59 -10.22
C ARG A 201 7.02 10.53 -10.59
N ASP A 202 8.28 10.76 -10.24
CA ASP A 202 9.33 9.81 -10.60
C ASP A 202 9.05 8.42 -10.05
N GLU A 203 8.71 8.33 -8.78
CA GLU A 203 8.49 7.03 -8.17
C GLU A 203 7.24 6.36 -8.74
N TRP A 204 6.16 7.13 -8.93
CA TRP A 204 4.92 6.51 -9.36
C TRP A 204 4.97 6.07 -10.82
N ARG A 205 5.68 6.83 -11.64
CA ARG A 205 5.82 6.46 -13.05
C ARG A 205 6.55 5.12 -13.16
N GLU A 206 7.48 4.85 -12.25
CA GLU A 206 8.22 3.60 -12.24
C GLU A 206 7.42 2.45 -11.65
N SER A 207 6.21 2.71 -11.15
CA SER A 207 5.39 1.71 -10.49
C SER A 207 4.21 1.24 -11.34
N VAL A 208 4.04 1.78 -12.55
CA VAL A 208 2.84 1.49 -13.33
C VAL A 208 2.72 0.02 -13.68
N ALA A 209 3.83 -0.73 -13.66
CA ALA A 209 3.75 -2.15 -14.00
C ALA A 209 2.80 -2.90 -13.09
N ARG A 210 2.59 -2.44 -11.86
CA ARG A 210 1.66 -3.15 -10.97
C ARG A 210 0.26 -3.17 -11.55
N VAL A 211 -0.14 -2.12 -12.27
CA VAL A 211 -1.45 -2.11 -12.92
C VAL A 211 -1.55 -3.24 -13.93
N ASP A 212 -0.49 -3.44 -14.72
CA ASP A 212 -0.53 -4.51 -15.73
C ASP A 212 -0.48 -5.90 -15.09
N VAL A 213 0.25 -6.06 -13.98
CA VAL A 213 0.25 -7.35 -13.30
C VAL A 213 -1.17 -7.70 -12.84
N LEU A 214 -1.85 -6.72 -12.25
CA LEU A 214 -3.22 -6.95 -11.77
C LEU A 214 -4.16 -7.19 -12.94
N ARG A 215 -4.01 -6.43 -14.01
CA ARG A 215 -4.85 -6.66 -15.18
C ARG A 215 -4.63 -8.04 -15.76
N SER A 216 -3.41 -8.56 -15.72
CA SER A 216 -3.15 -9.89 -16.24
C SER A 216 -3.92 -10.96 -15.48
N ILE A 217 -4.11 -10.77 -14.18
CA ILE A 217 -4.93 -11.69 -13.40
C ILE A 217 -6.37 -11.65 -13.91
N ALA A 218 -6.89 -10.44 -14.15
CA ALA A 218 -8.23 -10.30 -14.72
C ALA A 218 -8.32 -10.99 -16.08
N LYS A 219 -7.28 -10.86 -16.89
CA LYS A 219 -7.30 -11.44 -18.23
C LYS A 219 -7.18 -12.95 -18.23
N GLU A 220 -6.70 -13.54 -17.13
CA GLU A 220 -6.78 -14.98 -16.92
C GLU A 220 -8.14 -15.41 -16.39
N ASN A 221 -9.04 -14.45 -16.15
CA ASN A 221 -10.34 -14.69 -15.52
C ASN A 221 -10.20 -15.30 -14.12
N ASN A 222 -9.20 -14.84 -13.38
CA ASN A 222 -8.96 -15.34 -12.03
C ASN A 222 -9.47 -14.35 -10.98
N TYR A 223 -10.76 -14.01 -11.08
CA TYR A 223 -11.35 -12.99 -10.22
C TYR A 223 -11.52 -13.46 -8.77
N ASN A 224 -11.50 -14.76 -8.52
CA ASN A 224 -11.50 -15.27 -7.16
C ASN A 224 -10.12 -15.31 -6.54
N LEU A 225 -9.09 -14.94 -7.29
CA LEU A 225 -7.71 -14.91 -6.78
C LEU A 225 -7.32 -16.29 -6.25
N ASN A 226 -7.64 -17.31 -7.04
CA ASN A 226 -7.19 -18.67 -6.75
C ASN A 226 -5.69 -18.80 -7.04
N GLY A 227 -5.07 -19.81 -6.43
CA GLY A 227 -3.67 -20.06 -6.63
C GLY A 227 -3.40 -21.43 -7.22
N PRO A 228 -2.17 -21.66 -7.69
CA PRO A 228 -1.07 -20.69 -7.72
C PRO A 228 -1.29 -19.60 -8.77
N ILE A 229 -0.71 -18.43 -8.51
CA ILE A 229 -0.67 -17.32 -9.44
C ILE A 229 0.77 -17.17 -9.91
N HIS A 230 0.96 -17.03 -11.22
CA HIS A 230 2.27 -16.71 -11.76
C HIS A 230 2.28 -15.27 -12.23
N VAL A 231 3.23 -14.50 -11.72
CA VAL A 231 3.47 -13.14 -12.15
C VAL A 231 4.64 -13.16 -13.12
N ARG A 232 4.46 -12.55 -14.29
CA ARG A 232 5.53 -12.44 -15.28
C ARG A 232 5.57 -10.99 -15.73
N SER A 233 6.55 -10.25 -15.23
CA SER A 233 6.61 -8.81 -15.39
C SER A 233 7.99 -8.41 -15.86
N ASN A 234 8.05 -7.63 -16.94
CA ASN A 234 9.35 -7.09 -17.36
C ASN A 234 9.96 -6.24 -16.26
N GLU A 235 9.13 -5.48 -15.54
CA GLU A 235 9.63 -4.58 -14.50
C GLU A 235 10.06 -5.35 -13.26
N TYR A 236 9.21 -6.25 -12.75
CA TYR A 236 9.45 -6.87 -11.46
C TYR A 236 10.16 -8.20 -11.55
N GLY A 237 10.02 -8.92 -12.67
CA GLY A 237 10.50 -10.28 -12.77
C GLY A 237 9.38 -11.29 -12.68
N ASN A 238 9.77 -12.53 -12.40
CA ASN A 238 8.85 -13.65 -12.39
C ASN A 238 8.72 -14.21 -10.99
N PHE A 239 7.48 -14.48 -10.59
CA PHE A 239 7.19 -14.97 -9.25
C PHE A 239 6.04 -15.96 -9.30
N VAL A 240 6.01 -16.85 -8.32
CA VAL A 240 4.84 -17.66 -8.05
C VAL A 240 4.29 -17.29 -6.68
N ILE A 241 2.97 -17.22 -6.58
CA ILE A 241 2.26 -16.98 -5.35
C ILE A 241 1.35 -18.18 -5.13
N LYS A 242 1.55 -18.90 -4.04
CA LYS A 242 0.79 -20.13 -3.80
C LYS A 242 -0.69 -19.83 -3.60
#